data_6YUY
#
_entry.id   6YUY
#
_cell.length_a   59.400
_cell.length_b   73.080
_cell.length_c   78.580
_cell.angle_alpha   90.000
_cell.angle_beta   90.000
_cell.angle_gamma   90.000
#
_symmetry.space_group_name_H-M   'P 21 21 21'
#
loop_
_entity.id
_entity.type
_entity.pdbx_description
1 polymer 'Palmitoleoyl-protein carboxylesterase NOTUM'
2 non-polymer 'SULFATE ION'
3 non-polymer 'DIMETHYL SULFOXIDE'
4 non-polymer '2-methyl-5-(trifluoromethyl)-1~{H}-pyrrole-3-carboxylic acid'
5 non-polymer 2-acetamido-2-deoxy-beta-D-glucopyranose
6 water water
#
_entity_poly.entity_id   1
_entity_poly.type   'polypeptide(L)'
_entity_poly.pdbx_seq_one_letter_code
;ETGSAQQLNEDLRLHLLLNTSVTCNDGSPAGYYLKESRGSRRWLLFLEGGWYCFNRENCDSRYDTMRRLMSSRDWPRTRT
GTGILSSQPEENPYWWNANMVFIPYCSSDVWSGASSKSEKNEYAFMGALIIQEVVRELLGRGLSGAKVLLLAGSSAGGTG
VLLNVDRVAEQLEKLGYPAIQVRGLADSGWFLDNKQYRHTDCVDTITCAPTEAIRRGIRYWNGVVPERCRRQFQEGEEWN
CFFGYKVYPTLRSPVFVVQWLFDEAQLTVDNVHLTGQPVQEGLRLYIQNLGRELRHTLKDVPASFAPACLSHEIIIRSHW
TDVQVKGTSLPRALHCWDRSLHDSHKASKTPLKGCPVHLVDSCPWPHCNPSCPTGTKHHHHHH
;
_entity_poly.pdbx_strand_id   A
#
loop_
_chem_comp.id
_chem_comp.type
_chem_comp.name
_chem_comp.formula
DMS non-polymer 'DIMETHYL SULFOXIDE' 'C2 H6 O S'
NAG D-saccharide, beta linking 2-acetamido-2-deoxy-beta-D-glucopyranose 'C8 H15 N O6'
PQH non-polymer '2-methyl-5-(trifluoromethyl)-1~{H}-pyrrole-3-carboxylic acid' 'C7 H6 F3 N O2'
SO4 non-polymer 'SULFATE ION' 'O4 S -2'
#
# COMPACT_ATOMS: atom_id res chain seq x y z
N ASP A 11 -19.45 11.29 -3.72
CA ASP A 11 -19.33 9.99 -3.07
C ASP A 11 -19.04 8.85 -4.08
N LEU A 12 -18.43 7.79 -3.58
CA LEU A 12 -18.05 6.61 -4.36
C LEU A 12 -19.06 5.49 -4.11
N ARG A 13 -19.47 4.82 -5.18
CA ARG A 13 -20.53 3.83 -5.14
C ARG A 13 -19.96 2.41 -5.18
N LEU A 14 -20.43 1.56 -4.28
CA LEU A 14 -19.96 0.18 -4.21
C LEU A 14 -20.37 -0.58 -5.48
N HIS A 15 -19.46 -1.40 -5.99
CA HIS A 15 -19.79 -2.41 -7.00
C HIS A 15 -19.17 -3.74 -6.56
N LEU A 16 -20.02 -4.72 -6.27
CA LEU A 16 -19.52 -6.05 -5.95
C LEU A 16 -19.04 -6.73 -7.24
N LEU A 17 -17.92 -7.43 -7.17
CA LEU A 17 -17.33 -7.99 -8.37
C LEU A 17 -18.35 -8.87 -9.09
N LEU A 18 -18.47 -8.67 -10.41
CA LEU A 18 -19.39 -9.48 -11.18
C LEU A 18 -18.96 -10.94 -11.22
N ASN A 19 -17.66 -11.19 -11.09
CA ASN A 19 -17.15 -12.56 -10.97
C ASN A 19 -17.13 -12.91 -9.49
N THR A 20 -18.17 -13.63 -9.05
CA THR A 20 -18.33 -13.87 -7.62
C THR A 20 -17.39 -14.93 -7.07
N SER A 21 -16.61 -15.59 -7.94
CA SER A 21 -15.57 -16.50 -7.46
CA SER A 21 -15.56 -16.50 -7.48
C SER A 21 -14.32 -15.77 -7.00
N VAL A 22 -14.27 -14.45 -7.13
CA VAL A 22 -13.19 -13.62 -6.60
C VAL A 22 -13.74 -13.07 -5.30
N THR A 23 -13.27 -13.61 -4.16
CA THR A 23 -13.97 -13.46 -2.89
C THR A 23 -13.07 -12.85 -1.83
N CYS A 24 -13.72 -12.17 -0.87
CA CYS A 24 -13.11 -11.86 0.40
C CYS A 24 -12.75 -13.16 1.14
N ASN A 25 -12.17 -13.05 2.33
CA ASN A 25 -11.73 -14.23 3.07
C ASN A 25 -12.87 -15.21 3.28
N ASP A 26 -14.06 -14.74 3.65
CA ASP A 26 -15.16 -15.65 3.99
C ASP A 26 -15.93 -16.13 2.77
N GLY A 27 -15.48 -15.78 1.58
CA GLY A 27 -16.15 -16.22 0.37
C GLY A 27 -17.21 -15.29 -0.17
N SER A 28 -17.57 -14.23 0.56
CA SER A 28 -18.45 -13.21 0.01
C SER A 28 -17.75 -12.49 -1.14
N PRO A 29 -18.50 -11.88 -2.06
CA PRO A 29 -17.85 -11.22 -3.19
C PRO A 29 -16.95 -10.09 -2.73
N ALA A 30 -15.75 -10.00 -3.29
CA ALA A 30 -14.98 -8.77 -3.15
C ALA A 30 -15.59 -7.71 -4.07
N GLY A 31 -15.05 -6.49 -4.07
CA GLY A 31 -15.69 -5.43 -4.83
C GLY A 31 -14.86 -4.16 -4.85
N TYR A 32 -15.49 -3.07 -5.29
CA TYR A 32 -14.80 -1.78 -5.33
C TYR A 32 -15.82 -0.66 -5.28
N TYR A 33 -15.39 0.48 -4.73
CA TYR A 33 -16.15 1.73 -4.75
C TYR A 33 -15.62 2.62 -5.86
N LEU A 34 -16.53 3.19 -6.65
CA LEU A 34 -16.22 3.92 -7.88
C LEU A 34 -16.92 5.28 -7.90
N LYS A 35 -16.19 6.32 -8.25
CA LYS A 35 -16.79 7.57 -8.67
C LYS A 35 -16.17 7.96 -10.00
N GLU A 36 -16.99 7.99 -11.05
CA GLU A 36 -16.49 8.30 -12.38
C GLU A 36 -16.33 9.79 -12.54
N SER A 37 -15.36 10.18 -13.36
CA SER A 37 -15.13 11.58 -13.75
C SER A 37 -14.93 11.56 -15.27
N ARG A 38 -16.04 11.65 -16.02
CA ARG A 38 -15.98 11.38 -17.45
C ARG A 38 -15.09 12.36 -18.20
N GLY A 39 -14.91 13.58 -17.69
CA GLY A 39 -13.97 14.47 -18.32
C GLY A 39 -12.51 14.18 -18.07
N SER A 40 -12.17 13.02 -17.48
CA SER A 40 -10.80 12.73 -17.09
C SER A 40 -10.33 11.39 -17.64
N ARG A 41 -9.06 11.34 -18.04
CA ARG A 41 -8.41 10.11 -18.45
C ARG A 41 -7.47 9.56 -17.38
N ARG A 42 -7.54 10.10 -16.17
CA ARG A 42 -6.74 9.62 -15.05
C ARG A 42 -7.58 8.75 -14.12
N TRP A 43 -7.00 7.64 -13.68
CA TRP A 43 -7.70 6.67 -12.84
C TRP A 43 -6.84 6.35 -11.62
N LEU A 44 -7.42 6.54 -10.45
CA LEU A 44 -6.73 6.30 -9.18
C LEU A 44 -7.39 5.09 -8.51
N LEU A 45 -6.66 3.98 -8.45
CA LEU A 45 -7.13 2.78 -7.77
C LEU A 45 -6.38 2.66 -6.46
N PHE A 46 -7.10 2.79 -5.35
CA PHE A 46 -6.51 2.81 -4.02
C PHE A 46 -6.77 1.50 -3.29
N LEU A 47 -5.70 0.88 -2.81
CA LEU A 47 -5.74 -0.34 -2.02
C LEU A 47 -5.79 -0.02 -0.53
N GLU A 48 -6.89 -0.36 0.12
CA GLU A 48 -6.99 -0.17 1.57
C GLU A 48 -5.94 -1.01 2.29
N GLY A 49 -5.59 -0.59 3.51
CA GLY A 49 -4.71 -1.31 4.39
C GLY A 49 -5.43 -1.97 5.56
N GLY A 50 -4.63 -2.53 6.47
CA GLY A 50 -5.17 -3.14 7.69
C GLY A 50 -4.54 -4.44 8.14
N TRP A 51 -3.20 -4.50 8.18
CA TRP A 51 -2.46 -5.65 8.73
C TRP A 51 -2.82 -6.90 7.90
N TYR A 52 -3.01 -8.06 8.54
CA TYR A 52 -3.14 -9.34 7.83
C TYR A 52 -3.36 -10.40 8.90
N CYS A 53 -3.62 -11.63 8.47
CA CYS A 53 -3.64 -12.76 9.40
C CYS A 53 -2.98 -13.95 8.74
N PHE A 54 -2.24 -14.77 9.49
CA PHE A 54 -1.43 -15.80 8.84
C PHE A 54 -1.62 -17.22 9.38
N ASN A 55 -2.67 -17.50 10.16
CA ASN A 55 -3.06 -18.87 10.46
C ASN A 55 -4.54 -18.88 10.83
N ARG A 56 -5.12 -20.09 10.85
CA ARG A 56 -6.55 -20.21 11.15
C ARG A 56 -6.91 -19.51 12.44
N GLU A 57 -6.05 -19.64 13.46
CA GLU A 57 -6.38 -19.12 14.78
C GLU A 57 -6.51 -17.60 14.75
N ASN A 58 -5.50 -16.90 14.24
CA ASN A 58 -5.59 -15.45 14.22
C ASN A 58 -6.50 -14.93 13.11
N CYS A 59 -6.78 -15.72 12.07
CA CYS A 59 -7.79 -15.26 11.12
C CYS A 59 -9.19 -15.41 11.71
N ASP A 60 -9.39 -16.46 12.52
CA ASP A 60 -10.67 -16.62 13.22
C ASP A 60 -10.92 -15.46 14.18
N SER A 61 -9.89 -15.03 14.90
N SER A 61 -9.89 -15.03 14.90
CA SER A 61 -10.05 -13.92 15.84
CA SER A 61 -10.06 -13.93 15.84
C SER A 61 -10.34 -12.61 15.11
C SER A 61 -10.35 -12.62 15.11
N ARG A 62 -9.67 -12.39 13.98
CA ARG A 62 -9.94 -11.21 13.16
C ARG A 62 -11.33 -11.28 12.54
N TYR A 63 -11.83 -12.48 12.26
CA TYR A 63 -13.17 -12.58 11.68
C TYR A 63 -14.21 -12.21 12.73
N ASP A 64 -13.88 -12.36 14.00
CA ASP A 64 -14.84 -12.12 15.05
C ASP A 64 -14.98 -10.65 15.40
N THR A 65 -13.91 -9.85 15.23
CA THR A 65 -14.01 -8.45 15.61
C THR A 65 -13.35 -7.52 14.60
N MET A 66 -12.97 -8.00 13.43
CA MET A 66 -12.56 -7.16 12.32
C MET A 66 -13.19 -7.66 11.03
N ARG A 67 -14.49 -7.98 11.12
CA ARG A 67 -15.13 -8.76 10.07
C ARG A 67 -15.12 -8.02 8.73
N ARG A 68 -15.28 -6.70 8.75
CA ARG A 68 -15.29 -5.94 7.50
C ARG A 68 -14.00 -6.09 6.71
N LEU A 69 -12.89 -6.44 7.36
CA LEU A 69 -11.63 -6.73 6.67
C LEU A 69 -11.56 -8.18 6.18
N MET A 70 -12.66 -8.92 6.32
CA MET A 70 -12.69 -10.29 5.89
C MET A 70 -13.95 -10.63 5.10
N SER A 71 -14.83 -9.67 4.86
CA SER A 71 -16.16 -9.95 4.32
C SER A 71 -16.77 -8.66 3.78
N SER A 72 -17.53 -8.77 2.69
CA SER A 72 -18.28 -7.65 2.14
C SER A 72 -19.73 -7.63 2.62
N ARG A 73 -20.13 -8.61 3.45
CA ARG A 73 -21.54 -8.73 3.82
C ARG A 73 -22.08 -7.46 4.47
N ASP A 74 -21.25 -6.71 5.19
CA ASP A 74 -21.73 -5.52 5.91
C ASP A 74 -21.22 -4.21 5.30
N TRP A 75 -20.67 -4.25 4.08
CA TRP A 75 -20.11 -3.04 3.48
C TRP A 75 -21.21 -2.03 3.18
N PRO A 76 -20.99 -0.76 3.41
CA PRO A 76 -21.99 0.25 3.04
C PRO A 76 -22.06 0.47 1.54
N ARG A 77 -23.17 1.06 1.11
CA ARG A 77 -23.46 1.23 -0.32
C ARG A 77 -22.59 2.31 -0.94
N THR A 78 -22.16 3.29 -0.15
CA THR A 78 -21.35 4.39 -0.66
C THR A 78 -20.20 4.64 0.31
N ARG A 79 -19.24 5.43 -0.16
CA ARG A 79 -18.09 5.83 0.64
C ARG A 79 -17.68 7.22 0.19
N THR A 80 -17.29 8.07 1.14
CA THR A 80 -16.80 9.40 0.80
C THR A 80 -15.33 9.32 0.45
N GLY A 81 -14.95 9.90 -0.69
CA GLY A 81 -13.54 9.97 -1.07
C GLY A 81 -12.86 11.10 -0.28
N THR A 82 -11.73 10.76 0.36
CA THR A 82 -11.02 11.72 1.22
C THR A 82 -9.54 11.76 0.86
N GLY A 83 -8.90 12.89 1.19
CA GLY A 83 -7.49 13.02 0.87
C GLY A 83 -7.31 12.92 -0.65
N ILE A 84 -6.37 12.06 -1.08
CA ILE A 84 -6.10 11.91 -2.50
C ILE A 84 -7.31 11.37 -3.27
N LEU A 85 -8.28 10.76 -2.58
CA LEU A 85 -9.53 10.30 -3.20
C LEU A 85 -10.65 11.35 -3.16
N SER A 86 -10.35 12.57 -2.70
CA SER A 86 -11.33 13.65 -2.75
C SER A 86 -11.39 14.28 -4.14
N SER A 87 -12.61 14.62 -4.59
CA SER A 87 -12.79 15.36 -5.83
C SER A 87 -12.76 16.86 -5.61
N GLN A 88 -12.56 17.33 -4.35
CA GLN A 88 -12.56 18.77 -4.10
C GLN A 88 -11.13 19.31 -4.22
N PRO A 89 -10.92 20.34 -5.05
CA PRO A 89 -9.55 20.82 -5.28
C PRO A 89 -8.86 21.28 -4.01
N GLU A 90 -9.61 21.83 -3.05
CA GLU A 90 -8.98 22.32 -1.83
C GLU A 90 -8.40 21.18 -1.02
N GLU A 91 -9.09 20.04 -0.99
CA GLU A 91 -8.63 18.89 -0.24
C GLU A 91 -7.63 18.07 -1.04
N ASN A 92 -7.72 18.09 -2.37
CA ASN A 92 -6.88 17.26 -3.24
C ASN A 92 -6.38 18.10 -4.41
N PRO A 93 -5.34 18.93 -4.19
CA PRO A 93 -4.80 19.75 -5.30
C PRO A 93 -4.12 18.93 -6.37
N TYR A 94 -3.92 17.64 -6.14
CA TYR A 94 -3.17 16.80 -7.09
C TYR A 94 -4.09 16.27 -8.18
N TRP A 95 -5.04 15.39 -7.82
CA TRP A 95 -5.86 14.64 -8.79
C TRP A 95 -7.36 14.77 -8.46
N TRP A 96 -7.81 15.94 -8.00
CA TRP A 96 -9.23 16.12 -7.66
C TRP A 96 -10.17 15.71 -8.80
N ASN A 97 -9.73 15.82 -10.06
CA ASN A 97 -10.65 15.56 -11.18
C ASN A 97 -10.63 14.11 -11.67
N ALA A 98 -9.83 13.24 -11.06
CA ALA A 98 -9.65 11.90 -11.60
C ALA A 98 -10.84 10.99 -11.30
N ASN A 99 -10.90 9.88 -12.05
CA ASN A 99 -11.75 8.75 -11.70
C ASN A 99 -11.22 8.08 -10.45
N MET A 100 -12.09 7.86 -9.46
CA MET A 100 -11.66 7.43 -8.13
C MET A 100 -12.20 6.04 -7.84
N VAL A 101 -11.30 5.15 -7.41
CA VAL A 101 -11.63 3.77 -7.08
C VAL A 101 -11.02 3.42 -5.72
N PHE A 102 -11.85 2.94 -4.81
CA PHE A 102 -11.42 2.50 -3.49
C PHE A 102 -11.64 1.00 -3.43
N ILE A 103 -10.57 0.24 -3.26
CA ILE A 103 -10.71 -1.22 -3.25
C ILE A 103 -10.61 -1.67 -1.81
N PRO A 104 -11.71 -1.98 -1.14
CA PRO A 104 -11.61 -2.47 0.24
C PRO A 104 -10.72 -3.69 0.34
N TYR A 105 -10.01 -3.74 1.46
CA TYR A 105 -9.10 -4.82 1.81
C TYR A 105 -9.89 -5.86 2.59
N CYS A 106 -10.16 -7.00 1.96
CA CYS A 106 -10.94 -8.04 2.62
C CYS A 106 -10.31 -9.42 2.43
N SER A 107 -9.00 -9.47 2.18
CA SER A 107 -8.27 -10.71 1.93
C SER A 107 -7.16 -10.97 2.94
N SER A 108 -6.83 -10.00 3.81
CA SER A 108 -5.90 -10.20 4.94
C SER A 108 -4.56 -10.81 4.50
N ASP A 109 -4.16 -10.57 3.26
CA ASP A 109 -2.98 -11.23 2.70
C ASP A 109 -1.99 -10.25 2.11
N VAL A 110 -2.04 -8.98 2.53
CA VAL A 110 -1.18 -7.93 1.98
C VAL A 110 -1.33 -7.90 0.47
N TRP A 111 -2.50 -8.26 -0.04
CA TRP A 111 -2.81 -8.15 -1.45
C TRP A 111 -1.94 -9.10 -2.30
N SER A 112 -1.51 -10.21 -1.70
CA SER A 112 -0.63 -11.14 -2.40
C SER A 112 -1.28 -12.46 -2.79
N GLY A 113 -2.44 -12.81 -2.23
CA GLY A 113 -2.93 -14.16 -2.33
C GLY A 113 -3.53 -14.51 -3.69
N ALA A 114 -3.53 -15.80 -4.01
CA ALA A 114 -4.26 -16.30 -5.17
C ALA A 114 -4.78 -17.71 -4.92
N SER A 115 -5.45 -17.92 -3.78
N SER A 115 -5.44 -17.92 -3.78
CA SER A 115 -5.97 -19.22 -3.41
CA SER A 115 -5.97 -19.22 -3.41
C SER A 115 -7.43 -19.11 -3.02
C SER A 115 -7.43 -19.10 -3.04
N SER A 116 -8.26 -20.00 -3.56
CA SER A 116 -9.69 -19.99 -3.32
C SER A 116 -10.05 -20.82 -2.08
N LYS A 117 -11.19 -20.48 -1.48
CA LYS A 117 -11.74 -21.25 -0.39
C LYS A 117 -12.26 -22.59 -0.90
N SER A 118 -11.95 -23.66 -0.18
CA SER A 118 -12.23 -25.02 -0.66
C SER A 118 -12.57 -25.93 0.52
N GLU A 119 -12.88 -27.18 0.20
CA GLU A 119 -13.07 -28.19 1.23
C GLU A 119 -11.91 -28.22 2.23
N LYS A 120 -10.71 -27.80 1.80
CA LYS A 120 -9.51 -27.88 2.62
C LYS A 120 -9.05 -26.54 3.19
N ASN A 121 -9.40 -25.42 2.57
CA ASN A 121 -9.00 -24.10 3.04
C ASN A 121 -10.18 -23.42 3.73
N GLU A 122 -9.99 -23.04 5.00
CA GLU A 122 -11.07 -22.36 5.73
C GLU A 122 -11.39 -21.01 5.10
N TYR A 123 -10.37 -20.26 4.68
CA TYR A 123 -10.54 -18.92 4.15
C TYR A 123 -9.91 -18.81 2.77
N ALA A 124 -10.44 -17.87 1.98
CA ALA A 124 -9.86 -17.53 0.69
C ALA A 124 -8.94 -16.33 0.86
N PHE A 125 -7.81 -16.38 0.18
CA PHE A 125 -6.86 -15.26 0.17
C PHE A 125 -6.60 -14.92 -1.30
N MET A 126 -7.30 -13.90 -1.80
CA MET A 126 -7.33 -13.64 -3.24
C MET A 126 -6.93 -12.20 -3.58
N GLY A 127 -6.21 -11.51 -2.69
CA GLY A 127 -5.96 -10.09 -2.90
C GLY A 127 -5.42 -9.76 -4.29
N ALA A 128 -4.47 -10.55 -4.79
CA ALA A 128 -3.88 -10.26 -6.09
C ALA A 128 -4.88 -10.50 -7.22
N LEU A 129 -5.74 -11.51 -7.07
CA LEU A 129 -6.79 -11.74 -8.06
C LEU A 129 -7.87 -10.67 -7.94
N ILE A 130 -8.08 -10.13 -6.73
CA ILE A 130 -9.05 -9.05 -6.58
C ILE A 130 -8.64 -7.85 -7.42
N ILE A 131 -7.39 -7.41 -7.27
CA ILE A 131 -6.88 -6.26 -8.05
C ILE A 131 -7.06 -6.52 -9.53
N GLN A 132 -6.63 -7.71 -9.98
CA GLN A 132 -6.72 -8.04 -11.40
C GLN A 132 -8.16 -7.95 -11.88
N GLU A 133 -9.10 -8.49 -11.09
CA GLU A 133 -10.48 -8.55 -11.55
C GLU A 133 -11.13 -7.16 -11.53
N VAL A 134 -10.83 -6.36 -10.51
CA VAL A 134 -11.28 -4.96 -10.49
C VAL A 134 -10.83 -4.26 -11.77
N VAL A 135 -9.53 -4.37 -12.08
CA VAL A 135 -9.01 -3.72 -13.28
C VAL A 135 -9.75 -4.20 -14.52
N ARG A 136 -10.10 -5.48 -14.55
CA ARG A 136 -10.82 -6.02 -15.71
C ARG A 136 -12.19 -5.38 -15.84
N GLU A 137 -12.99 -5.41 -14.77
CA GLU A 137 -14.34 -4.86 -14.82
C GLU A 137 -14.32 -3.35 -15.02
N LEU A 138 -13.28 -2.67 -14.57
CA LEU A 138 -13.19 -1.23 -14.80
C LEU A 138 -12.98 -0.90 -16.28
N LEU A 139 -12.34 -1.79 -17.03
CA LEU A 139 -12.08 -1.50 -18.44
C LEU A 139 -13.36 -1.16 -19.19
N GLY A 140 -14.45 -1.84 -18.84
CA GLY A 140 -15.76 -1.62 -19.42
C GLY A 140 -16.51 -0.42 -18.87
N ARG A 141 -15.95 0.26 -17.88
CA ARG A 141 -16.55 1.45 -17.30
C ARG A 141 -15.73 2.70 -17.56
N GLY A 142 -14.82 2.65 -18.54
CA GLY A 142 -14.06 3.80 -18.96
C GLY A 142 -12.56 3.67 -18.80
N LEU A 143 -12.08 2.68 -18.05
CA LEU A 143 -10.62 2.55 -17.87
C LEU A 143 -9.91 2.29 -19.19
N SER A 144 -10.61 1.66 -20.15
CA SER A 144 -10.02 1.34 -21.45
C SER A 144 -9.50 2.59 -22.16
N GLY A 145 -10.09 3.75 -21.89
CA GLY A 145 -9.64 4.98 -22.50
C GLY A 145 -8.62 5.74 -21.68
N ALA A 146 -8.19 5.17 -20.56
CA ALA A 146 -7.34 5.90 -19.62
C ALA A 146 -5.99 6.21 -20.23
N LYS A 147 -5.38 7.29 -19.74
CA LYS A 147 -4.00 7.63 -20.05
C LYS A 147 -3.03 7.28 -18.92
N VAL A 148 -3.48 7.39 -17.66
CA VAL A 148 -2.67 7.00 -16.50
C VAL A 148 -3.57 6.24 -15.53
N LEU A 149 -3.07 5.11 -15.04
CA LEU A 149 -3.69 4.35 -13.96
C LEU A 149 -2.70 4.36 -12.81
N LEU A 150 -3.01 5.10 -11.76
CA LEU A 150 -2.16 5.16 -10.57
C LEU A 150 -2.72 4.16 -9.57
N LEU A 151 -1.97 3.10 -9.32
CA LEU A 151 -2.30 2.14 -8.28
C LEU A 151 -1.70 2.66 -6.98
N ALA A 152 -2.54 3.07 -6.06
CA ALA A 152 -2.10 3.63 -4.80
C ALA A 152 -2.59 2.76 -3.65
N GLY A 153 -2.02 2.99 -2.47
CA GLY A 153 -2.34 2.15 -1.33
C GLY A 153 -1.67 2.62 -0.06
N SER A 154 -2.27 2.33 1.11
CA SER A 154 -1.71 2.75 2.39
C SER A 154 -1.48 1.55 3.31
N SER A 155 -0.32 1.53 3.96
CA SER A 155 0.06 0.51 4.93
CA SER A 155 0.06 0.51 4.93
C SER A 155 0.08 -0.84 4.21
N ALA A 156 -0.67 -1.86 4.65
CA ALA A 156 -0.64 -3.11 3.89
C ALA A 156 -1.00 -2.88 2.43
N GLY A 157 -1.85 -1.88 2.17
CA GLY A 157 -2.13 -1.50 0.79
C GLY A 157 -0.94 -0.88 0.11
N GLY A 158 -0.10 -0.16 0.86
CA GLY A 158 1.13 0.34 0.28
C GLY A 158 2.07 -0.77 -0.15
N THR A 159 2.22 -1.79 0.68
CA THR A 159 2.98 -2.96 0.23
C THR A 159 2.27 -3.65 -0.93
N GLY A 160 0.93 -3.66 -0.90
CA GLY A 160 0.19 -4.23 -2.01
C GLY A 160 0.54 -3.57 -3.34
N VAL A 161 0.70 -2.24 -3.33
CA VAL A 161 1.10 -1.54 -4.56
C VAL A 161 2.40 -2.14 -5.10
N LEU A 162 3.40 -2.27 -4.23
CA LEU A 162 4.70 -2.78 -4.65
C LEU A 162 4.57 -4.21 -5.17
N LEU A 163 3.69 -5.02 -4.56
CA LEU A 163 3.55 -6.40 -4.99
C LEU A 163 2.77 -6.54 -6.28
N ASN A 164 1.95 -5.53 -6.66
CA ASN A 164 1.00 -5.67 -7.76
C ASN A 164 1.15 -4.67 -8.90
N VAL A 165 1.92 -3.59 -8.75
CA VAL A 165 1.91 -2.57 -9.79
C VAL A 165 2.34 -3.16 -11.14
N ASP A 166 3.44 -3.93 -11.14
CA ASP A 166 3.95 -4.47 -12.39
C ASP A 166 3.00 -5.51 -12.99
N ARG A 167 2.34 -6.32 -12.15
CA ARG A 167 1.36 -7.26 -12.69
C ARG A 167 0.20 -6.55 -13.38
N VAL A 168 -0.18 -5.38 -12.86
CA VAL A 168 -1.25 -4.62 -13.49
C VAL A 168 -0.78 -4.09 -14.84
N ALA A 169 0.43 -3.52 -14.87
CA ALA A 169 1.03 -3.13 -16.13
C ALA A 169 1.00 -4.27 -17.13
N GLU A 170 1.45 -5.46 -16.70
CA GLU A 170 1.57 -6.59 -17.60
C GLU A 170 0.19 -7.09 -18.03
N GLN A 171 -0.76 -7.11 -17.09
CA GLN A 171 -2.14 -7.48 -17.41
C GLN A 171 -2.70 -6.61 -18.53
N LEU A 172 -2.55 -5.28 -18.40
CA LEU A 172 -3.12 -4.39 -19.40
C LEU A 172 -2.42 -4.52 -20.75
N GLU A 173 -1.09 -4.77 -20.73
CA GLU A 173 -0.37 -5.03 -21.97
C GLU A 173 -0.93 -6.26 -22.67
N LYS A 174 -0.99 -7.39 -21.97
CA LYS A 174 -1.48 -8.61 -22.59
C LYS A 174 -2.93 -8.49 -23.03
N LEU A 175 -3.70 -7.64 -22.36
CA LEU A 175 -5.09 -7.41 -22.77
C LEU A 175 -5.21 -6.49 -23.98
N GLY A 176 -4.12 -5.85 -24.40
CA GLY A 176 -4.15 -5.00 -25.58
C GLY A 176 -4.35 -3.53 -25.31
N TYR A 177 -3.94 -3.04 -24.14
CA TYR A 177 -4.08 -1.63 -23.77
C TYR A 177 -2.70 -1.03 -23.53
N PRO A 178 -1.86 -0.98 -24.57
CA PRO A 178 -0.46 -0.59 -24.34
C PRO A 178 -0.31 0.85 -23.88
N ALA A 179 -1.25 1.71 -24.21
CA ALA A 179 -1.14 3.15 -23.99
C ALA A 179 -1.51 3.60 -22.57
N ILE A 180 -2.10 2.73 -21.75
CA ILE A 180 -2.35 3.07 -20.34
C ILE A 180 -1.04 2.99 -19.57
N GLN A 181 -0.61 4.10 -18.99
CA GLN A 181 0.61 4.13 -18.19
C GLN A 181 0.28 3.75 -16.75
N VAL A 182 0.75 2.59 -16.32
CA VAL A 182 0.53 2.13 -14.96
C VAL A 182 1.66 2.65 -14.07
N ARG A 183 1.30 3.28 -12.96
CA ARG A 183 2.26 3.85 -12.01
C ARG A 183 1.83 3.46 -10.62
N GLY A 184 2.76 3.54 -9.67
CA GLY A 184 2.49 3.13 -8.30
C GLY A 184 2.70 4.26 -7.31
N LEU A 185 1.89 4.27 -6.24
CA LEU A 185 2.07 5.24 -5.15
C LEU A 185 1.93 4.45 -3.85
N ALA A 186 3.07 4.10 -3.24
CA ALA A 186 3.06 3.25 -2.04
C ALA A 186 3.20 4.12 -0.80
N ASP A 187 2.13 4.20 -0.01
CA ASP A 187 2.06 5.02 1.18
C ASP A 187 2.23 4.15 2.42
N SER A 188 3.25 4.42 3.23
CA SER A 188 3.40 3.74 4.51
C SER A 188 3.51 2.22 4.34
N GLY A 189 4.01 1.76 3.21
CA GLY A 189 4.15 0.32 3.02
C GLY A 189 5.60 -0.08 2.81
N TRP A 190 6.54 0.73 3.29
CA TRP A 190 7.97 0.57 3.03
C TRP A 190 8.59 0.14 4.36
N PHE A 191 8.59 -1.17 4.63
CA PHE A 191 8.95 -1.70 5.94
C PHE A 191 10.39 -2.18 5.95
N LEU A 192 10.99 -2.19 7.14
CA LEU A 192 12.30 -2.76 7.33
C LEU A 192 12.18 -4.08 8.09
N ASP A 193 12.84 -5.11 7.58
CA ASP A 193 12.97 -6.36 8.32
C ASP A 193 14.16 -6.29 9.29
N ASN A 194 14.07 -5.35 10.23
CA ASN A 194 15.12 -5.12 11.21
C ASN A 194 14.88 -5.92 12.49
N LYS A 195 15.84 -5.88 13.39
CA LYS A 195 15.68 -6.52 14.68
C LYS A 195 14.80 -5.67 15.59
N GLN A 196 13.97 -6.34 16.39
CA GLN A 196 13.09 -5.64 17.30
C GLN A 196 13.89 -4.94 18.40
N TYR A 197 13.29 -3.89 18.96
CA TYR A 197 13.88 -3.27 20.13
C TYR A 197 13.95 -4.25 21.28
N ARG A 198 12.86 -4.99 21.54
CA ARG A 198 12.85 -6.09 22.49
C ARG A 198 12.26 -7.34 21.82
N HIS A 199 12.77 -8.50 22.21
CA HIS A 199 12.67 -9.74 21.44
C HIS A 199 11.37 -10.51 21.69
N THR A 200 10.20 -9.90 21.53
CA THR A 200 8.98 -10.66 21.78
C THR A 200 8.88 -11.84 20.82
N ASP A 201 7.98 -12.76 21.16
CA ASP A 201 7.79 -13.98 20.38
C ASP A 201 6.56 -13.87 19.50
N CYS A 202 6.69 -14.34 18.26
CA CYS A 202 5.62 -14.24 17.27
C CYS A 202 4.46 -15.16 17.61
N VAL A 203 3.46 -14.64 18.29
CA VAL A 203 2.23 -15.36 18.59
C VAL A 203 1.05 -14.74 17.86
N ASP A 204 0.75 -13.47 18.14
CA ASP A 204 -0.30 -12.75 17.44
C ASP A 204 0.23 -12.15 16.14
N THR A 205 -0.35 -11.03 15.70
CA THR A 205 0.05 -10.40 14.44
C THR A 205 0.73 -9.05 14.61
N ILE A 206 0.35 -8.25 15.61
CA ILE A 206 0.98 -6.95 15.80
C ILE A 206 2.38 -7.12 16.38
N THR A 207 2.51 -7.82 17.50
CA THR A 207 3.81 -7.98 18.16
C THR A 207 4.78 -8.86 17.39
N CYS A 208 4.32 -9.58 16.38
CA CYS A 208 5.19 -10.49 15.65
CA CYS A 208 5.19 -10.49 15.65
C CYS A 208 6.19 -9.73 14.80
N ALA A 209 7.41 -10.26 14.71
CA ALA A 209 8.46 -9.64 13.92
C ALA A 209 8.11 -9.73 12.44
N PRO A 210 8.45 -8.71 11.66
CA PRO A 210 8.02 -8.70 10.24
C PRO A 210 8.49 -9.92 9.46
N THR A 211 9.76 -10.32 9.57
CA THR A 211 10.26 -11.43 8.77
C THR A 211 9.42 -12.70 8.97
N GLU A 212 9.24 -13.12 10.22
CA GLU A 212 8.49 -14.36 10.47
C GLU A 212 7.01 -14.21 10.13
N ALA A 213 6.47 -13.00 10.28
CA ALA A 213 5.09 -12.74 9.87
C ALA A 213 4.87 -13.15 8.42
N ILE A 214 5.68 -12.58 7.51
CA ILE A 214 5.45 -12.74 6.08
C ILE A 214 5.75 -14.17 5.63
N ARG A 215 6.78 -14.79 6.20
CA ARG A 215 7.10 -16.15 5.78
C ARG A 215 5.92 -17.09 6.02
N ARG A 216 5.37 -17.08 7.23
CA ARG A 216 4.20 -17.93 7.51
C ARG A 216 3.03 -17.52 6.63
N GLY A 217 2.83 -16.20 6.46
CA GLY A 217 1.68 -15.74 5.69
C GLY A 217 1.68 -16.29 4.28
N ILE A 218 2.81 -16.14 3.57
CA ILE A 218 2.88 -16.58 2.17
C ILE A 218 2.42 -18.02 2.04
N ARG A 219 2.94 -18.90 2.90
CA ARG A 219 2.50 -20.29 2.86
C ARG A 219 1.00 -20.38 3.00
N TYR A 220 0.45 -19.72 4.01
CA TYR A 220 -0.97 -19.85 4.33
C TYR A 220 -1.85 -19.22 3.24
N TRP A 221 -1.39 -18.13 2.61
CA TRP A 221 -2.19 -17.47 1.60
C TRP A 221 -1.95 -18.01 0.20
N ASN A 222 -0.86 -18.74 -0.02
CA ASN A 222 -0.39 -19.00 -1.38
C ASN A 222 0.00 -17.68 -2.04
N GLY A 223 0.85 -16.92 -1.34
CA GLY A 223 1.12 -15.53 -1.72
C GLY A 223 2.08 -15.46 -2.90
N VAL A 224 1.84 -14.50 -3.79
CA VAL A 224 2.67 -14.33 -4.98
C VAL A 224 3.35 -12.97 -4.94
N VAL A 225 4.53 -12.89 -5.56
CA VAL A 225 5.37 -11.69 -5.50
C VAL A 225 5.86 -11.38 -6.91
N PRO A 226 6.37 -10.16 -7.14
CA PRO A 226 6.81 -9.82 -8.50
C PRO A 226 7.89 -10.76 -9.02
N GLU A 227 7.80 -11.05 -10.32
CA GLU A 227 8.60 -12.11 -10.95
C GLU A 227 10.10 -11.89 -10.79
N ARG A 228 10.59 -10.68 -11.10
CA ARG A 228 12.03 -10.47 -11.08
C ARG A 228 12.56 -10.56 -9.65
N CYS A 229 11.78 -10.08 -8.69
CA CYS A 229 12.17 -10.21 -7.28
C CYS A 229 12.15 -11.66 -6.86
N ARG A 230 11.11 -12.40 -7.27
CA ARG A 230 11.07 -13.84 -6.99
C ARG A 230 12.31 -14.54 -7.52
N ARG A 231 12.74 -14.20 -8.74
CA ARG A 231 13.87 -14.90 -9.35
C ARG A 231 15.18 -14.64 -8.61
N GLN A 232 15.28 -13.49 -7.96
CA GLN A 232 16.45 -13.17 -7.14
C GLN A 232 16.47 -14.01 -5.86
N PHE A 233 15.38 -14.00 -5.09
CA PHE A 233 15.41 -14.67 -3.79
C PHE A 233 15.12 -16.16 -3.88
N GLN A 234 14.36 -16.59 -4.87
CA GLN A 234 14.16 -18.01 -5.17
C GLN A 234 13.31 -18.74 -4.12
N GLU A 235 13.10 -20.03 -4.33
CA GLU A 235 12.10 -20.78 -3.58
C GLU A 235 12.34 -20.67 -2.08
N GLY A 236 11.25 -20.44 -1.35
CA GLY A 236 11.28 -20.37 0.08
C GLY A 236 11.58 -19.00 0.64
N GLU A 237 12.27 -18.15 -0.13
CA GLU A 237 12.71 -16.84 0.33
C GLU A 237 11.85 -15.70 -0.25
N GLU A 238 10.65 -16.00 -0.74
CA GLU A 238 9.84 -14.95 -1.35
C GLU A 238 9.39 -13.88 -0.36
N TRP A 239 9.33 -14.18 0.94
CA TRP A 239 9.00 -13.16 1.93
C TRP A 239 9.84 -11.91 1.71
N ASN A 240 11.09 -12.06 1.24
CA ASN A 240 11.95 -10.90 1.02
C ASN A 240 11.27 -9.83 0.17
N CYS A 241 10.47 -10.25 -0.82
CA CYS A 241 9.86 -9.30 -1.74
C CYS A 241 8.73 -8.48 -1.11
N PHE A 242 8.33 -8.77 0.13
CA PHE A 242 7.38 -7.90 0.82
C PHE A 242 8.04 -6.68 1.44
N PHE A 243 9.36 -6.54 1.28
CA PHE A 243 10.08 -5.44 1.91
C PHE A 243 10.52 -4.47 0.83
N GLY A 244 10.00 -3.25 0.92
CA GLY A 244 10.14 -2.29 -0.17
C GLY A 244 11.56 -2.16 -0.69
N TYR A 245 12.54 -2.00 0.22
CA TYR A 245 13.90 -1.76 -0.27
C TYR A 245 14.47 -2.95 -1.03
N LYS A 246 13.89 -4.13 -0.88
CA LYS A 246 14.34 -5.27 -1.68
C LYS A 246 13.52 -5.44 -2.96
N VAL A 247 12.23 -5.15 -2.94
CA VAL A 247 11.41 -5.41 -4.12
C VAL A 247 11.46 -4.24 -5.09
N TYR A 248 11.55 -3.01 -4.58
CA TYR A 248 11.51 -1.80 -5.40
C TYR A 248 12.52 -1.78 -6.55
N PRO A 249 13.80 -2.10 -6.34
CA PRO A 249 14.76 -2.07 -7.45
C PRO A 249 14.42 -3.00 -8.61
N THR A 250 13.58 -4.01 -8.40
CA THR A 250 13.23 -4.96 -9.44
C THR A 250 11.99 -4.54 -10.21
N LEU A 251 11.32 -3.47 -9.79
CA LEU A 251 10.08 -3.00 -10.42
C LEU A 251 10.38 -2.23 -11.70
N ARG A 252 9.52 -2.40 -12.70
CA ARG A 252 9.64 -1.64 -13.94
C ARG A 252 8.71 -0.44 -14.01
N SER A 253 7.54 -0.50 -13.38
CA SER A 253 6.66 0.66 -13.40
C SER A 253 7.21 1.76 -12.48
N PRO A 254 6.98 3.03 -12.83
CA PRO A 254 7.34 4.12 -11.91
C PRO A 254 6.54 4.02 -10.61
N VAL A 255 7.22 4.18 -9.48
CA VAL A 255 6.60 4.10 -8.17
C VAL A 255 7.07 5.26 -7.31
N PHE A 256 6.14 6.05 -6.82
CA PHE A 256 6.41 7.10 -5.85
C PHE A 256 6.27 6.51 -4.46
N VAL A 257 7.26 6.70 -3.60
CA VAL A 257 7.23 6.11 -2.26
C VAL A 257 6.99 7.22 -1.24
N VAL A 258 5.95 7.05 -0.41
CA VAL A 258 5.61 7.95 0.69
C VAL A 258 5.82 7.15 1.96
N GLN A 259 6.66 7.64 2.88
CA GLN A 259 6.94 6.83 4.06
C GLN A 259 7.38 7.72 5.20
N TRP A 260 6.61 7.73 6.29
CA TRP A 260 7.11 8.36 7.51
C TRP A 260 8.40 7.68 7.91
N LEU A 261 9.40 8.47 8.34
CA LEU A 261 10.64 7.85 8.78
C LEU A 261 10.41 6.99 10.02
N PHE A 262 9.43 7.36 10.85
CA PHE A 262 9.17 6.65 12.10
C PHE A 262 7.72 6.14 12.08
N ASP A 263 7.44 5.19 11.20
CA ASP A 263 6.08 4.70 11.04
C ASP A 263 5.63 3.96 12.29
N GLU A 264 4.47 4.33 12.81
CA GLU A 264 3.95 3.68 14.03
C GLU A 264 3.81 2.16 13.85
N ALA A 265 3.45 1.69 12.65
CA ALA A 265 3.32 0.25 12.47
C ALA A 265 4.70 -0.40 12.49
N GLN A 266 5.70 0.30 11.96
CA GLN A 266 7.07 -0.23 12.04
C GLN A 266 7.52 -0.32 13.51
N LEU A 267 7.28 0.73 14.28
CA LEU A 267 7.65 0.71 15.69
C LEU A 267 6.88 -0.35 16.46
N THR A 268 5.62 -0.59 16.09
CA THR A 268 4.85 -1.64 16.75
C THR A 268 5.49 -3.01 16.54
N VAL A 269 5.79 -3.35 15.29
CA VAL A 269 6.40 -4.66 15.04
C VAL A 269 7.81 -4.72 15.60
N ASP A 270 8.43 -3.57 15.88
CA ASP A 270 9.74 -3.51 16.52
C ASP A 270 9.63 -3.51 18.04
N ASN A 271 8.41 -3.58 18.57
CA ASN A 271 8.16 -3.57 20.02
C ASN A 271 8.66 -2.28 20.67
N VAL A 272 8.37 -1.16 20.02
CA VAL A 272 8.64 0.18 20.56
C VAL A 272 7.32 0.84 20.91
N HIS A 273 7.23 1.38 22.12
CA HIS A 273 6.04 2.13 22.56
C HIS A 273 6.43 3.45 23.19
N PRO A 278 9.81 9.62 28.82
CA PRO A 278 11.20 9.49 29.28
C PRO A 278 11.96 8.41 28.49
N VAL A 279 12.63 8.84 27.44
CA VAL A 279 13.32 7.95 26.50
C VAL A 279 14.77 7.85 26.93
N GLN A 280 15.20 6.64 27.29
CA GLN A 280 16.56 6.42 27.72
C GLN A 280 17.48 6.15 26.52
N GLU A 281 18.78 6.15 26.81
CA GLU A 281 19.80 6.07 25.76
C GLU A 281 19.56 4.91 24.78
N GLY A 282 19.25 3.72 25.29
CA GLY A 282 19.10 2.58 24.40
C GLY A 282 17.99 2.79 23.39
N LEU A 283 16.85 3.31 23.84
CA LEU A 283 15.74 3.53 22.92
C LEU A 283 16.05 4.70 21.99
N ARG A 284 16.64 5.78 22.50
CA ARG A 284 17.00 6.89 21.63
C ARG A 284 17.91 6.41 20.50
N LEU A 285 18.91 5.58 20.82
CA LEU A 285 19.81 5.09 19.79
C LEU A 285 19.07 4.21 18.78
N TYR A 286 18.20 3.33 19.28
CA TYR A 286 17.43 2.46 18.40
C TYR A 286 16.56 3.27 17.45
N ILE A 287 15.86 4.26 17.99
CA ILE A 287 14.97 5.06 17.16
C ILE A 287 15.77 5.86 16.14
N GLN A 288 16.87 6.50 16.56
CA GLN A 288 17.70 7.23 15.60
C GLN A 288 18.28 6.31 14.53
N ASN A 289 18.74 5.11 14.92
CA ASN A 289 19.22 4.16 13.92
C ASN A 289 18.12 3.79 12.93
N LEU A 290 16.88 3.65 13.41
CA LEU A 290 15.78 3.28 12.51
C LEU A 290 15.57 4.36 11.45
N GLY A 291 15.49 5.62 11.87
CA GLY A 291 15.37 6.71 10.91
C GLY A 291 16.51 6.76 9.91
N ARG A 292 17.76 6.56 10.38
CA ARG A 292 18.87 6.57 9.44
C ARG A 292 18.80 5.39 8.47
N GLU A 293 18.44 4.19 8.94
CA GLU A 293 18.32 3.05 8.02
C GLU A 293 17.24 3.33 6.99
N LEU A 294 16.08 3.81 7.45
N LEU A 294 16.09 3.82 7.44
CA LEU A 294 15.02 4.18 6.51
CA LEU A 294 15.03 4.12 6.47
C LEU A 294 15.53 5.19 5.49
C LEU A 294 15.50 5.15 5.46
N ARG A 295 16.14 6.27 5.98
N ARG A 295 16.13 6.22 5.93
CA ARG A 295 16.76 7.25 5.10
CA ARG A 295 16.68 7.21 5.00
C ARG A 295 17.66 6.57 4.08
C ARG A 295 17.66 6.56 4.04
N HIS A 296 18.47 5.63 4.54
CA HIS A 296 19.44 5.00 3.66
C HIS A 296 18.75 4.25 2.53
N THR A 297 17.66 3.54 2.83
CA THR A 297 16.99 2.73 1.81
C THR A 297 16.29 3.60 0.77
N LEU A 298 16.03 4.86 1.08
CA LEU A 298 15.35 5.76 0.17
C LEU A 298 16.30 6.58 -0.69
N LYS A 299 17.61 6.52 -0.42
CA LYS A 299 18.56 7.36 -1.14
C LYS A 299 18.41 7.23 -2.65
N ASP A 300 18.24 6.00 -3.15
CA ASP A 300 18.18 5.71 -4.57
C ASP A 300 16.76 5.56 -5.09
N VAL A 301 15.76 6.02 -4.33
CA VAL A 301 14.37 6.08 -4.77
C VAL A 301 14.13 7.51 -5.22
N PRO A 302 14.08 7.79 -6.52
CA PRO A 302 14.14 9.19 -6.96
C PRO A 302 12.87 9.96 -6.68
N ALA A 303 11.73 9.28 -6.57
CA ALA A 303 10.44 9.90 -6.31
C ALA A 303 9.99 9.42 -4.93
N SER A 304 10.15 10.26 -3.91
CA SER A 304 9.81 9.80 -2.57
C SER A 304 9.51 10.99 -1.67
N PHE A 305 8.69 10.74 -0.66
CA PHE A 305 8.29 11.77 0.31
C PHE A 305 8.36 11.09 1.66
N ALA A 306 9.35 11.44 2.48
CA ALA A 306 9.60 10.69 3.71
C ALA A 306 9.91 11.68 4.82
N PRO A 307 8.88 12.19 5.50
CA PRO A 307 9.11 13.17 6.56
C PRO A 307 9.48 12.52 7.87
N ALA A 308 10.21 13.29 8.70
CA ALA A 308 10.72 12.77 9.97
C ALA A 308 9.63 12.89 11.06
N CYS A 309 8.61 12.05 10.95
CA CYS A 309 7.48 12.08 11.86
C CYS A 309 7.14 10.68 12.38
N LEU A 310 6.60 10.63 13.58
CA LEU A 310 5.99 9.45 14.16
C LEU A 310 4.51 9.53 13.84
N SER A 311 4.03 8.68 12.91
CA SER A 311 2.64 8.74 12.46
C SER A 311 2.35 7.44 11.72
N HIS A 312 1.08 7.26 11.33
CA HIS A 312 0.71 6.12 10.51
C HIS A 312 -0.14 6.57 9.34
N GLU A 313 0.24 6.17 8.11
CA GLU A 313 -0.47 6.42 6.84
C GLU A 313 -0.61 7.91 6.55
N ILE A 314 -1.11 8.27 5.37
CA ILE A 314 -1.23 9.70 5.09
C ILE A 314 -2.21 10.01 3.96
N ILE A 315 -2.19 9.25 2.86
CA ILE A 315 -2.65 9.88 1.64
C ILE A 315 -4.17 10.02 1.53
N ILE A 316 -4.98 9.25 2.27
CA ILE A 316 -6.43 9.47 2.24
C ILE A 316 -6.92 10.23 3.47
N ARG A 317 -6.03 10.81 4.27
CA ARG A 317 -6.47 11.68 5.36
C ARG A 317 -6.80 13.08 4.83
N SER A 318 -7.87 13.66 5.36
CA SER A 318 -8.34 14.93 4.84
C SER A 318 -7.27 16.00 4.82
N HIS A 319 -6.36 15.99 5.80
CA HIS A 319 -5.33 17.02 5.90
C HIS A 319 -3.98 16.53 5.40
N TRP A 320 -3.98 15.64 4.41
CA TRP A 320 -2.72 15.17 3.86
C TRP A 320 -1.92 16.27 3.19
N THR A 321 -2.55 17.40 2.88
CA THR A 321 -1.87 18.54 2.28
C THR A 321 -0.96 19.29 3.25
N ASP A 322 -1.03 18.99 4.55
CA ASP A 322 -0.37 19.89 5.52
C ASP A 322 1.14 19.64 5.62
N VAL A 323 1.58 18.41 5.56
CA VAL A 323 2.99 18.14 5.86
C VAL A 323 3.84 18.61 4.68
N GLN A 324 5.03 19.11 4.99
CA GLN A 324 6.01 19.51 3.99
C GLN A 324 7.39 18.95 4.34
N VAL A 325 8.16 18.65 3.30
CA VAL A 325 9.59 18.35 3.40
C VAL A 325 10.32 19.37 2.53
N LYS A 326 11.35 20.01 3.11
CA LYS A 326 12.12 21.03 2.38
C LYS A 326 11.19 22.03 1.67
N GLY A 327 10.10 22.40 2.34
CA GLY A 327 9.17 23.39 1.82
C GLY A 327 8.18 22.90 0.78
N THR A 328 8.13 21.61 0.47
CA THR A 328 7.27 21.08 -0.57
C THR A 328 6.24 20.13 0.02
N SER A 329 4.98 20.30 -0.37
CA SER A 329 3.91 19.42 0.07
C SER A 329 3.91 18.14 -0.74
N LEU A 330 3.26 17.09 -0.19
CA LEU A 330 3.12 15.85 -0.97
C LEU A 330 2.30 16.06 -2.22
N PRO A 331 1.15 16.73 -2.19
CA PRO A 331 0.46 17.02 -3.45
C PRO A 331 1.35 17.71 -4.47
N ARG A 332 2.13 18.70 -4.05
CA ARG A 332 3.04 19.32 -5.01
C ARG A 332 4.04 18.30 -5.52
N ALA A 333 4.67 17.54 -4.61
CA ALA A 333 5.66 16.55 -5.04
C ALA A 333 5.06 15.56 -6.02
N LEU A 334 3.80 15.13 -5.80
CA LEU A 334 3.21 14.21 -6.74
C LEU A 334 2.95 14.87 -8.09
N HIS A 335 2.63 16.18 -8.10
CA HIS A 335 2.46 16.90 -9.38
C HIS A 335 3.78 17.03 -10.12
N CYS A 336 4.86 17.32 -9.40
CA CYS A 336 6.20 17.34 -10.00
C CYS A 336 6.55 15.97 -10.57
N TRP A 337 6.14 14.91 -9.88
CA TRP A 337 6.37 13.56 -10.38
C TRP A 337 5.62 13.34 -11.69
N ASP A 338 4.31 13.68 -11.74
CA ASP A 338 3.59 13.67 -13.01
C ASP A 338 4.38 14.40 -14.09
N ARG A 339 4.81 15.63 -13.80
CA ARG A 339 5.54 16.41 -14.80
C ARG A 339 6.80 15.69 -15.27
N SER A 340 7.50 15.02 -14.35
CA SER A 340 8.75 14.35 -14.69
C SER A 340 8.53 13.16 -15.62
N LEU A 341 7.31 12.65 -15.70
CA LEU A 341 7.00 11.48 -16.50
C LEU A 341 6.32 11.82 -17.84
N HIS A 342 6.23 13.10 -18.18
CA HIS A 342 5.80 13.49 -19.52
C HIS A 342 6.76 12.93 -20.57
N THR A 350 17.39 16.83 -16.59
CA THR A 350 16.32 15.96 -16.09
C THR A 350 15.49 16.63 -14.98
N PRO A 351 16.12 17.03 -13.89
CA PRO A 351 15.35 17.61 -12.77
C PRO A 351 14.66 18.90 -13.18
N LEU A 352 13.46 19.11 -12.61
CA LEU A 352 12.65 20.28 -12.90
C LEU A 352 12.97 21.41 -11.92
N LYS A 353 13.00 22.64 -12.42
CA LYS A 353 13.28 23.82 -11.62
C LYS A 353 12.10 24.13 -10.70
N GLY A 354 12.34 24.13 -9.40
CA GLY A 354 11.29 24.43 -8.45
C GLY A 354 10.23 23.36 -8.28
N CYS A 355 10.43 22.17 -8.86
CA CYS A 355 9.42 21.11 -8.79
C CYS A 355 10.09 19.84 -8.34
N PRO A 356 10.54 19.79 -7.08
CA PRO A 356 11.36 18.64 -6.65
C PRO A 356 10.49 17.39 -6.41
N VAL A 357 11.12 16.22 -6.59
CA VAL A 357 10.48 14.90 -6.52
C VAL A 357 11.08 13.99 -5.46
N HIS A 358 12.34 14.20 -5.06
CA HIS A 358 12.99 13.41 -4.01
C HIS A 358 12.97 14.26 -2.74
N LEU A 359 12.12 13.90 -1.78
CA LEU A 359 11.99 14.72 -0.56
C LEU A 359 12.07 13.86 0.70
N VAL A 360 13.28 13.70 1.23
CA VAL A 360 13.52 12.81 2.36
C VAL A 360 14.11 13.65 3.48
N ASP A 361 13.45 13.67 4.62
CA ASP A 361 13.99 14.44 5.74
C ASP A 361 15.33 13.86 6.18
N SER A 362 16.21 14.73 6.68
CA SER A 362 17.51 14.34 7.19
C SER A 362 17.65 14.47 8.70
N CYS A 363 16.73 15.18 9.36
CA CYS A 363 16.86 15.33 10.79
C CYS A 363 16.49 14.01 11.50
N PRO A 364 17.09 13.73 12.66
CA PRO A 364 17.13 12.34 13.15
C PRO A 364 16.09 11.93 14.19
N TRP A 365 15.07 12.75 14.49
CA TRP A 365 14.16 12.41 15.59
C TRP A 365 12.71 12.75 15.22
N PRO A 366 11.75 11.92 15.64
CA PRO A 366 10.33 12.24 15.37
C PRO A 366 9.98 13.70 15.66
N HIS A 367 9.36 14.38 14.68
CA HIS A 367 8.86 15.75 14.81
C HIS A 367 9.96 16.80 14.77
N CYS A 368 11.19 16.44 14.36
CA CYS A 368 12.16 17.49 14.04
C CYS A 368 11.72 18.27 12.79
N ASN A 369 10.82 17.69 11.98
CA ASN A 369 10.10 18.41 10.94
C ASN A 369 8.88 19.07 11.56
N PRO A 370 8.80 20.41 11.58
CA PRO A 370 7.72 21.05 12.35
C PRO A 370 6.35 20.90 11.71
N SER A 371 6.25 20.44 10.47
CA SER A 371 4.95 20.22 9.84
C SER A 371 4.38 18.82 10.12
N CYS A 372 5.09 17.98 10.87
CA CYS A 372 4.53 16.68 11.24
C CYS A 372 3.12 16.84 11.81
N PRO A 373 2.20 15.92 11.52
CA PRO A 373 0.85 16.01 12.11
C PRO A 373 0.89 15.83 13.62
N THR A 374 -0.14 16.34 14.27
CA THR A 374 -0.25 16.21 15.73
C THR A 374 -1.32 15.18 16.15
S SO4 B . 4.01 -12.60 -12.53
O1 SO4 B . 4.31 -11.88 -13.77
O2 SO4 B . 4.40 -11.77 -11.39
O3 SO4 B . 4.74 -13.88 -12.52
O4 SO4 B . 2.57 -12.87 -12.47
S SO4 C . -7.74 -23.76 7.86
O1 SO4 C . -7.70 -22.31 8.11
O2 SO4 C . -7.87 -24.00 6.43
O3 SO4 C . -6.52 -24.37 8.36
O4 SO4 C . -8.89 -24.33 8.57
S SO4 D . -6.36 17.44 -11.60
O1 SO4 D . -7.06 18.45 -12.39
O2 SO4 D . -5.11 17.07 -12.28
O3 SO4 D . -6.00 17.99 -10.30
O4 SO4 D . -7.21 16.26 -11.42
S SO4 E . 20.34 9.40 28.56
O1 SO4 E . 18.99 9.54 28.05
O2 SO4 E . 21.29 9.63 27.46
O3 SO4 E . 20.56 10.38 29.62
O4 SO4 E . 20.51 8.05 29.11
S SO4 F . -24.38 0.39 -12.17
O1 SO4 F . -24.03 1.71 -12.69
O2 SO4 F . -25.30 -0.29 -13.09
O3 SO4 F . -23.18 -0.44 -12.05
O4 SO4 F . -25.02 0.54 -10.87
S SO4 G . -15.51 -0.78 3.74
O1 SO4 G . -16.28 0.40 3.33
O2 SO4 G . -14.08 -0.52 3.60
O3 SO4 G . -15.81 -1.08 5.14
O4 SO4 G . -15.88 -1.90 2.89
S SO4 H . 22.07 8.26 4.02
O1 SO4 H . 21.66 9.43 3.23
O2 SO4 H . 23.38 7.78 3.58
O3 SO4 H . 22.09 8.59 5.44
O4 SO4 H . 21.09 7.20 3.81
S SO4 I . -7.07 14.63 -18.05
O1 SO4 I . -7.79 15.64 -18.82
O2 SO4 I . -5.69 14.54 -18.54
O3 SO4 I . -7.07 15.04 -16.65
O4 SO4 I . -7.74 13.34 -18.18
S SO4 J . -21.11 6.68 -11.55
O1 SO4 J . -21.85 7.48 -12.53
O2 SO4 J . -20.01 7.48 -11.01
O3 SO4 J . -20.57 5.48 -12.19
O4 SO4 J . -22.02 6.30 -10.47
S SO4 K . -27.39 -0.95 2.86
O1 SO4 K . -28.46 -0.17 2.22
O2 SO4 K . -26.15 -0.17 2.88
O3 SO4 K . -27.80 -1.27 4.22
O4 SO4 K . -27.19 -2.19 2.11
S SO4 L . 5.48 20.71 -18.32
O1 SO4 L . 6.17 21.78 -19.02
O2 SO4 L . 4.64 19.97 -19.25
O3 SO4 L . 6.47 19.81 -17.71
O4 SO4 L . 4.64 21.29 -17.27
S SO4 M . -16.71 -5.53 12.18
O1 SO4 M . -18.02 -5.87 11.64
O2 SO4 M . -15.79 -5.26 11.07
O3 SO4 M . -16.22 -6.67 12.95
O4 SO4 M . -16.80 -4.34 13.03
S SO4 N . 7.40 6.50 21.63
O1 SO4 N . 6.88 5.53 20.67
O2 SO4 N . 7.04 7.85 21.21
O3 SO4 N . 8.86 6.40 21.69
O4 SO4 N . 6.81 6.23 22.93
S SO4 O . 10.56 13.14 -20.66
O1 SO4 O . 10.68 14.51 -20.16
O2 SO4 O . 10.43 13.16 -22.12
O3 SO4 O . 9.38 12.51 -20.07
O4 SO4 O . 11.74 12.38 -20.28
S SO4 P . 16.21 11.94 -17.70
O1 SO4 P . 16.78 13.22 -18.10
O2 SO4 P . 14.87 11.79 -18.29
O3 SO4 P . 16.11 11.88 -16.24
O4 SO4 P . 17.06 10.86 -18.17
S SO4 Q . 13.68 -21.46 -7.76
O1 SO4 Q . 13.23 -20.34 -8.59
O2 SO4 Q . 15.12 -21.37 -7.56
O3 SO4 Q . 12.99 -21.40 -6.49
O4 SO4 Q . 13.36 -22.71 -8.43
S DMS R . 10.59 3.26 -10.48
O DMS R . 10.27 4.53 -9.77
C1 DMS R . 9.93 1.83 -9.57
C2 DMS R . 12.37 2.89 -10.33
H11 DMS R . 10.10 0.95 -10.12
H12 DMS R . 8.89 1.96 -9.44
H13 DMS R . 10.40 1.77 -8.62
H21 DMS R . 12.61 2.06 -10.95
H22 DMS R . 12.59 2.64 -9.33
H23 DMS R . 12.93 3.72 -10.63
N PQH S . 2.63 -4.61 5.63
N PQH S . 3.89 -4.69 8.97
C PQH S . 3.94 -5.30 7.28
C PQH S . 3.36 -5.26 6.90
O PQH S . 3.29 -5.12 10.08
O PQH S . 1.35 -4.09 5.33
C1 PQH S . 3.79 -5.30 5.91
C1 PQH S . 4.31 -5.37 7.85
C2 PQH S . 4.65 -5.84 4.84
C2 PQH S . 5.64 -6.01 7.80
C3 PQH S . 2.04 -4.16 6.77
C3 PQH S . 2.67 -4.14 8.75
C4 PQH S . 2.86 -4.58 7.83
C4 PQH S . 2.31 -4.49 7.42
C5 PQH S . 2.75 -4.36 9.29
C5 PQH S . 1.17 -4.18 6.54
C6 PQH S . 0.81 -3.31 6.74
C6 PQH S . 1.96 -3.31 9.79
F PQH S . 4.13 -6.90 4.27
F PQH S . 6.59 -5.20 8.18
F1 PQH S . 5.84 -6.21 5.31
F1 PQH S . 5.95 -6.39 6.56
F2 PQH S . 4.87 -4.96 3.89
F2 PQH S . 5.71 -7.07 8.57
O1 PQH S . 2.09 -3.30 9.65
O1 PQH S . 0.01 -4.07 7.12
H1 PQH S . 2.28 -4.48 4.69
H1 PQH S . 4.42 -4.64 9.84
H2 PQH S . 4.76 -5.77 7.82
H2 PQH S . 3.41 -5.69 5.90
H5 PQH S . 0.01 -3.71 6.13
H5 PQH S . 1.53 -2.39 9.39
H3 PQH S . 0.99 -2.30 6.35
H3 PQH S . 2.62 -3.00 10.60
H4 PQH S . 0.37 -3.16 7.73
H4 PQH S . 1.14 -3.84 10.27
H PQH S . 1.77 -2.78 8.86
H PQH S . 0.08 -4.19 8.11
C1 NAG T . -13.66 -15.67 -12.48
C2 NAG T . -12.98 -15.81 -13.84
C3 NAG T . -12.23 -17.15 -13.95
C4 NAG T . -11.38 -17.44 -12.72
C5 NAG T . -12.15 -17.19 -11.43
C6 NAG T . -11.30 -17.30 -10.18
C7 NAG T . -13.76 -14.96 -16.01
C8 NAG T . -14.89 -14.96 -17.01
N2 NAG T . -13.96 -15.69 -14.91
O3 NAG T . -11.38 -17.11 -15.09
O4 NAG T . -10.98 -18.80 -12.74
O5 NAG T . -12.71 -15.86 -11.44
O6 NAG T . -10.13 -16.49 -10.26
O7 NAG T . -12.72 -14.34 -16.20
#